data_6JQR
#
_entry.id   6JQR
#
_cell.length_a   82.367
_cell.length_b   82.367
_cell.length_c   146.469
_cell.angle_alpha   90.00
_cell.angle_beta   90.00
_cell.angle_gamma   90.00
#
_symmetry.space_group_name_H-M   'P 43 21 2'
#
loop_
_entity.id
_entity.type
_entity.pdbx_description
1 polymer 'Receptor-type tyrosine-protein kinase FLT3,Receptor-type tyrosine-protein kinase FLT3'
2 non-polymer 6-ethyl-3-[[3-methoxy-4-[4-(4-methylpiperazin-1-yl)piperidin-1-yl]phenyl]amino]-5-(oxan-4-ylamino)pyrazine-2-carboxamide
3 non-polymer 'SULFATE ION'
4 non-polymer GLYCEROL
5 non-polymer '3-CYCLOHEXYL-1-PROPYLSULFONIC ACID'
6 water water
#
_entity_poly.entity_id   1
_entity_poly.type   'polypeptide(L)'
_entity_poly.pdbx_seq_one_letter_code
;RYESQLQMVQVTGSSDNEYFYVDFREYEYDLKWEFPRENLEFGKVLGSGAFGKVMNATAYGISKTGVSIQVAVKMLKEKA
DSSEREALMSELKMMTQLGSHENIVNLLGACTLSGPIYLIFEYCCYGDLLNYLRSKREKFSEDEIEYENQKRLEEEEDLN
VLTFEDLLCFAYQVAKGMEFLEFKSCVHRDLAARNVLVTHGKVVKICDFGLARDIMSDSNYVVRGNARLPVKWMAPESLF
EGIYTIKSDVWSYGILLWEIFSLGVNPYPGIPVDANFYKLIQNGFKMDQPFYATEEIYIIMQSCWAFDSRKRPSFPNLTS
FLGCQLADAE
;
_entity_poly.pdbx_strand_id   A
#
# COMPACT_ATOMS: atom_id res chain seq x y z
N ARG A 1 19.97 2.10 3.19
CA ARG A 1 19.77 1.72 1.75
C ARG A 1 18.29 1.72 1.34
N TYR A 2 17.96 2.36 0.22
CA TYR A 2 16.56 2.47 -0.26
C TYR A 2 16.06 1.13 -0.82
N GLU A 3 14.78 0.83 -0.55
CA GLU A 3 14.09 -0.28 -1.19
C GLU A 3 12.59 0.03 -1.29
N SER A 4 11.99 -0.27 -2.45
CA SER A 4 10.53 -0.32 -2.64
C SER A 4 9.87 -1.39 -1.71
N GLN A 5 8.71 -1.06 -1.16
CA GLN A 5 7.89 -2.02 -0.39
C GLN A 5 6.99 -2.95 -1.23
N LEU A 6 6.69 -2.57 -2.45
CA LEU A 6 6.07 -3.46 -3.42
C LEU A 6 7.22 -4.24 -4.03
N GLN A 7 7.12 -5.57 -3.97
CA GLN A 7 8.17 -6.49 -4.43
C GLN A 7 7.52 -7.59 -5.25
N MET A 8 8.16 -7.96 -6.35
CA MET A 8 7.81 -9.20 -7.08
C MET A 8 8.51 -10.36 -6.41
N VAL A 9 7.81 -11.50 -6.35
CA VAL A 9 8.33 -12.73 -5.79
C VAL A 9 8.18 -13.88 -6.80
N GLN A 10 9.04 -14.88 -6.67
CA GLN A 10 8.89 -16.14 -7.40
C GLN A 10 8.82 -17.26 -6.38
N VAL A 11 7.75 -18.03 -6.45
CA VAL A 11 7.55 -19.20 -5.59
C VAL A 11 8.49 -20.34 -6.07
N THR A 12 9.11 -21.04 -5.12
CA THR A 12 10.07 -22.14 -5.36
C THR A 12 9.69 -23.46 -4.64
N GLY A 13 8.43 -23.56 -4.23
CA GLY A 13 7.95 -24.66 -3.38
C GLY A 13 6.64 -24.28 -2.72
N SER A 14 6.06 -25.23 -2.00
CA SER A 14 4.70 -25.13 -1.43
C SER A 14 4.61 -24.42 -0.06
N SER A 15 5.68 -24.48 0.75
CA SER A 15 5.73 -23.77 2.06
C SER A 15 5.89 -22.23 1.92
N ASP A 16 5.35 -21.50 2.89
CA ASP A 16 5.38 -20.02 2.91
C ASP A 16 6.77 -19.40 2.75
N ASN A 17 7.80 -20.03 3.33
CA ASN A 17 9.17 -19.52 3.20
C ASN A 17 9.89 -19.83 1.88
N GLU A 18 9.24 -20.58 0.97
CA GLU A 18 9.86 -21.00 -0.32
C GLU A 18 9.49 -20.01 -1.42
N TYR A 19 10.26 -18.93 -1.46
CA TYR A 19 10.17 -17.91 -2.47
C TYR A 19 11.44 -17.08 -2.41
N PHE A 20 11.69 -16.29 -3.44
CA PHE A 20 12.73 -15.26 -3.40
C PHE A 20 12.18 -14.04 -4.07
N TYR A 21 12.86 -12.92 -3.83
CA TYR A 21 12.48 -11.62 -4.35
C TYR A 21 13.15 -11.43 -5.72
N VAL A 22 12.38 -10.99 -6.70
CA VAL A 22 12.90 -10.62 -8.04
C VAL A 22 13.52 -9.21 -8.07
N ASP A 23 14.84 -9.15 -8.29
CA ASP A 23 15.63 -7.94 -8.51
C ASP A 23 15.69 -7.64 -10.06
N PHE A 24 15.15 -6.49 -10.44
CA PHE A 24 15.18 -5.99 -11.83
C PHE A 24 16.47 -5.25 -12.22
N ARG A 25 17.46 -5.22 -11.33
CA ARG A 25 18.70 -4.53 -11.54
C ARG A 25 19.44 -4.92 -12.81
N GLU A 26 19.40 -6.22 -13.14
CA GLU A 26 20.06 -6.77 -14.33
C GLU A 26 19.20 -6.70 -15.61
N TYR A 27 17.93 -6.32 -15.50
CA TYR A 27 17.02 -6.17 -16.64
C TYR A 27 17.19 -4.77 -17.24
N GLU A 28 16.80 -4.62 -18.50
CA GLU A 28 16.91 -3.32 -19.19
C GLU A 28 15.60 -2.54 -19.14
N TYR A 29 15.75 -1.24 -18.94
CA TYR A 29 14.62 -0.29 -18.87
C TYR A 29 14.14 0.02 -20.27
N ASP A 30 12.82 -0.08 -20.46
CA ASP A 30 12.17 0.12 -21.74
C ASP A 30 12.01 1.64 -21.94
N LEU A 31 12.70 2.16 -22.95
CA LEU A 31 12.79 3.62 -23.22
C LEU A 31 11.53 4.27 -23.70
N LYS A 32 10.51 3.50 -24.08
CA LYS A 32 9.18 4.09 -24.37
C LYS A 32 8.52 4.83 -23.18
N TRP A 33 8.95 4.51 -21.95
CA TRP A 33 8.49 5.23 -20.76
C TRP A 33 9.15 6.60 -20.54
N GLU A 34 10.23 6.91 -21.26
CA GLU A 34 11.01 8.13 -21.05
C GLU A 34 10.22 9.37 -21.49
N PHE A 35 10.19 10.36 -20.59
CA PHE A 35 9.42 11.60 -20.73
C PHE A 35 10.38 12.79 -20.58
N PRO A 36 10.16 13.90 -21.30
CA PRO A 36 11.11 15.02 -21.18
C PRO A 36 10.98 15.78 -19.85
N ARG A 37 12.08 15.90 -19.10
CA ARG A 37 12.21 16.76 -17.84
C ARG A 37 11.48 18.08 -17.91
N GLU A 38 11.74 18.82 -18.99
CA GLU A 38 11.24 20.18 -19.17
C GLU A 38 9.72 20.30 -19.35
N ASN A 39 9.05 19.17 -19.65
CA ASN A 39 7.58 19.09 -19.60
C ASN A 39 6.98 18.90 -18.18
N LEU A 40 7.82 18.88 -17.13
CA LEU A 40 7.39 18.94 -15.73
C LEU A 40 7.56 20.35 -15.18
N GLU A 41 6.47 20.92 -14.66
CA GLU A 41 6.51 22.18 -13.89
C GLU A 41 6.21 21.76 -12.45
N PHE A 42 7.24 21.78 -11.60
CA PHE A 42 7.12 21.38 -10.20
C PHE A 42 6.33 22.37 -9.32
N GLY A 43 5.33 21.85 -8.62
CA GLY A 43 4.61 22.55 -7.57
C GLY A 43 5.18 22.14 -6.23
N LYS A 44 4.28 21.86 -5.27
CA LYS A 44 4.65 21.66 -3.86
C LYS A 44 5.08 20.22 -3.55
N VAL A 45 5.79 20.09 -2.42
CA VAL A 45 6.24 18.81 -1.88
C VAL A 45 5.01 18.17 -1.23
N LEU A 46 4.78 16.90 -1.56
CA LEU A 46 3.69 16.08 -1.00
C LEU A 46 4.15 15.23 0.20
N GLY A 47 5.38 14.74 0.16
CA GLY A 47 6.02 14.13 1.32
C GLY A 47 7.50 13.90 1.14
N SER A 48 8.20 13.78 2.27
CA SER A 48 9.64 13.49 2.33
C SER A 48 9.92 12.30 3.27
N GLY A 49 10.87 11.45 2.87
CA GLY A 49 11.51 10.49 3.75
C GLY A 49 12.95 10.94 3.94
N ALA A 50 13.80 10.01 4.37
CA ALA A 50 15.25 10.26 4.47
C ALA A 50 15.89 10.29 3.08
N PHE A 51 15.68 9.21 2.33
CA PHE A 51 16.32 8.99 1.01
C PHE A 51 15.65 9.67 -0.21
N GLY A 52 14.53 10.39 -0.03
CA GLY A 52 13.85 11.05 -1.16
C GLY A 52 12.57 11.82 -0.85
N LYS A 53 11.87 12.21 -1.91
CA LYS A 53 10.62 12.99 -1.80
C LYS A 53 9.66 12.75 -2.96
N VAL A 54 8.39 13.05 -2.70
CA VAL A 54 7.33 13.02 -3.71
C VAL A 54 6.81 14.45 -3.84
N MET A 55 6.86 14.95 -5.07
CA MET A 55 6.46 16.31 -5.42
C MET A 55 5.31 16.30 -6.43
N ASN A 56 4.37 17.20 -6.22
CA ASN A 56 3.34 17.52 -7.20
C ASN A 56 4.02 18.22 -8.40
N ALA A 57 3.46 17.98 -9.59
CA ALA A 57 3.82 18.74 -10.78
C ALA A 57 2.70 18.76 -11.80
N THR A 58 2.75 19.75 -12.68
CA THR A 58 1.96 19.74 -13.91
C THR A 58 2.83 19.07 -14.99
N ALA A 59 2.23 18.10 -15.70
CA ALA A 59 2.90 17.36 -16.78
C ALA A 59 2.22 17.75 -18.10
N TYR A 60 3.01 18.33 -19.01
CA TYR A 60 2.53 18.81 -20.33
C TYR A 60 2.71 17.68 -21.35
N GLY A 61 1.61 17.21 -21.92
CA GLY A 61 1.62 16.20 -22.97
C GLY A 61 1.90 14.77 -22.57
N ILE A 62 1.70 14.41 -21.31
CA ILE A 62 1.91 13.03 -20.85
C ILE A 62 0.75 12.04 -21.14
N SER A 63 -0.47 12.55 -21.35
CA SER A 63 -1.68 11.72 -21.51
C SER A 63 -2.13 11.63 -22.97
N VAL A 67 -3.04 19.20 -23.99
CA VAL A 67 -3.55 18.50 -22.79
C VAL A 67 -2.49 18.50 -21.68
N SER A 68 -2.86 18.95 -20.48
CA SER A 68 -1.98 18.95 -19.28
C SER A 68 -2.71 18.37 -18.08
N ILE A 69 -1.97 17.61 -17.25
CA ILE A 69 -2.52 16.99 -16.04
C ILE A 69 -1.59 17.18 -14.84
N GLN A 70 -2.17 16.98 -13.66
CA GLN A 70 -1.40 16.85 -12.43
C GLN A 70 -0.78 15.47 -12.35
N VAL A 71 0.44 15.41 -11.82
CA VAL A 71 1.14 14.16 -11.52
C VAL A 71 1.84 14.25 -10.16
N ALA A 72 2.23 13.08 -9.65
CA ALA A 72 3.09 12.97 -8.46
C ALA A 72 4.42 12.40 -8.93
N VAL A 73 5.52 13.08 -8.59
CA VAL A 73 6.85 12.74 -9.08
C VAL A 73 7.69 12.29 -7.89
N LYS A 74 8.13 11.04 -7.94
CA LYS A 74 9.00 10.45 -6.94
C LYS A 74 10.49 10.65 -7.34
N MET A 75 11.32 11.05 -6.38
CA MET A 75 12.75 11.37 -6.63
C MET A 75 13.60 11.19 -5.38
N LEU A 76 14.90 11.06 -5.60
CA LEU A 76 15.87 10.96 -4.50
C LEU A 76 16.31 12.36 -4.06
N LYS A 77 16.77 12.46 -2.82
CA LYS A 77 17.43 13.67 -2.29
C LYS A 77 18.85 13.78 -2.85
N GLU A 78 19.38 15.00 -2.88
CA GLU A 78 20.72 15.28 -3.42
C GLU A 78 21.82 14.72 -2.53
N ASP A 81 23.25 8.48 -3.24
CA ASP A 81 24.37 7.67 -3.75
C ASP A 81 23.98 6.83 -4.98
N SER A 82 24.97 6.20 -5.61
CA SER A 82 24.76 5.35 -6.80
C SER A 82 23.93 4.07 -6.53
N SER A 83 24.04 3.52 -5.32
CA SER A 83 23.18 2.41 -4.86
C SER A 83 21.69 2.81 -4.71
N GLU A 84 21.45 4.05 -4.27
CA GLU A 84 20.09 4.60 -4.11
C GLU A 84 19.43 4.80 -5.49
N ARG A 85 20.22 5.37 -6.41
CA ARG A 85 19.88 5.55 -7.84
C ARG A 85 19.42 4.23 -8.51
N GLU A 86 20.22 3.19 -8.33
CA GLU A 86 19.93 1.86 -8.89
C GLU A 86 18.64 1.24 -8.34
N ALA A 87 18.41 1.39 -7.04
CA ALA A 87 17.15 0.91 -6.41
C ALA A 87 15.91 1.60 -6.96
N LEU A 88 16.03 2.88 -7.24
CA LEU A 88 14.93 3.61 -7.86
C LEU A 88 14.67 3.17 -9.29
N MET A 89 15.74 2.86 -10.03
CA MET A 89 15.62 2.29 -11.38
C MET A 89 14.95 0.91 -11.35
N SER A 90 15.30 0.09 -10.36
CA SER A 90 14.67 -1.22 -10.20
C SER A 90 13.18 -1.09 -9.98
N GLU A 91 12.79 -0.15 -9.12
CA GLU A 91 11.39 0.09 -8.88
C GLU A 91 10.71 0.54 -10.16
N LEU A 92 11.36 1.43 -10.91
CA LEU A 92 10.82 1.88 -12.18
C LEU A 92 10.60 0.70 -13.12
N LYS A 93 11.64 -0.13 -13.28
CA LYS A 93 11.55 -1.32 -14.15
C LYS A 93 10.39 -2.22 -13.69
N MET A 94 10.26 -2.43 -12.38
CA MET A 94 9.14 -3.23 -11.86
C MET A 94 7.78 -2.64 -12.27
N MET A 95 7.60 -1.34 -12.09
CA MET A 95 6.34 -0.70 -12.38
C MET A 95 6.02 -0.62 -13.90
N THR A 96 7.03 -0.57 -14.76
CA THR A 96 6.82 -0.67 -16.21
C THR A 96 6.27 -2.05 -16.62
N GLN A 97 6.66 -3.09 -15.90
CA GLN A 97 6.26 -4.46 -16.20
C GLN A 97 4.98 -4.91 -15.55
N LEU A 98 4.52 -4.21 -14.51
CA LEU A 98 3.38 -4.66 -13.73
C LEU A 98 2.05 -4.58 -14.50
N GLY A 99 1.91 -3.56 -15.37
CA GLY A 99 0.65 -3.21 -16.00
C GLY A 99 -0.10 -2.28 -15.07
N SER A 100 -1.20 -1.73 -15.57
CA SER A 100 -1.95 -0.73 -14.87
C SER A 100 -3.22 -1.35 -14.31
N HIS A 101 -3.74 -0.73 -13.26
CA HIS A 101 -5.01 -1.15 -12.68
C HIS A 101 -5.67 0.07 -12.03
N GLU A 102 -6.99 0.11 -12.03
CA GLU A 102 -7.74 1.26 -11.49
C GLU A 102 -7.42 1.58 -10.00
N ASN A 103 -7.19 0.53 -9.23
CA ASN A 103 -6.86 0.59 -7.80
C ASN A 103 -5.38 0.46 -7.38
N ILE A 104 -4.48 0.82 -8.31
CA ILE A 104 -3.05 1.00 -8.06
C ILE A 104 -2.70 2.44 -8.49
N VAL A 105 -1.72 3.06 -7.81
CA VAL A 105 -1.09 4.30 -8.27
C VAL A 105 -0.18 3.90 -9.42
N ASN A 106 -0.61 4.22 -10.65
CA ASN A 106 0.06 3.77 -11.86
C ASN A 106 1.18 4.71 -12.28
N LEU A 107 2.22 4.10 -12.84
CA LEU A 107 3.31 4.79 -13.50
C LEU A 107 2.85 5.35 -14.82
N LEU A 108 3.18 6.63 -15.05
CA LEU A 108 2.93 7.34 -16.31
C LEU A 108 4.17 7.56 -17.18
N GLY A 109 5.34 7.67 -16.57
CA GLY A 109 6.59 7.87 -17.30
C GLY A 109 7.74 8.12 -16.37
N ALA A 110 8.90 8.42 -16.93
CA ALA A 110 10.10 8.64 -16.14
C ALA A 110 11.11 9.49 -16.88
N CYS A 111 11.99 10.12 -16.10
CA CYS A 111 13.09 10.95 -16.62
C CYS A 111 14.33 10.34 -15.98
N THR A 112 15.19 9.75 -16.81
CA THR A 112 16.31 8.92 -16.35
C THR A 112 17.67 9.25 -16.97
N LEU A 113 17.72 10.11 -18.00
CA LEU A 113 18.89 10.21 -18.87
C LEU A 113 19.72 11.47 -18.68
N SER A 114 19.08 12.63 -18.56
CA SER A 114 19.80 13.93 -18.61
C SER A 114 19.79 14.69 -17.29
N GLY A 115 19.68 13.97 -16.17
CA GLY A 115 19.50 14.57 -14.84
C GLY A 115 19.10 13.55 -13.79
N PRO A 116 18.68 14.02 -12.59
CA PRO A 116 18.23 13.08 -11.54
C PRO A 116 17.01 12.25 -11.95
N ILE A 117 16.91 11.05 -11.38
CA ILE A 117 15.84 10.11 -11.74
C ILE A 117 14.52 10.64 -11.20
N TYR A 118 13.52 10.76 -12.09
CA TYR A 118 12.14 11.08 -11.73
C TYR A 118 11.24 9.95 -12.17
N LEU A 119 10.41 9.43 -11.25
CA LEU A 119 9.33 8.50 -11.59
C LEU A 119 8.03 9.27 -11.48
N ILE A 120 7.25 9.27 -12.57
CA ILE A 120 6.06 10.11 -12.69
C ILE A 120 4.87 9.17 -12.53
N PHE A 121 4.06 9.44 -11.52
CA PHE A 121 2.85 8.69 -11.19
C PHE A 121 1.59 9.55 -11.31
N GLU A 122 0.46 8.85 -11.39
CA GLU A 122 -0.87 9.46 -11.27
C GLU A 122 -0.98 10.23 -9.96
N TYR A 123 -1.63 11.38 -10.02
CA TYR A 123 -1.88 12.24 -8.88
C TYR A 123 -3.21 11.83 -8.29
N CYS A 124 -3.26 11.74 -6.96
CA CYS A 124 -4.45 11.38 -6.22
C CYS A 124 -4.78 12.58 -5.30
N CYS A 125 -5.71 13.41 -5.77
CA CYS A 125 -5.90 14.77 -5.25
C CYS A 125 -6.32 14.87 -3.79
N TYR A 126 -6.93 13.84 -3.22
CA TYR A 126 -7.34 13.85 -1.78
C TYR A 126 -6.34 13.24 -0.78
N GLY A 127 -5.14 12.84 -1.24
CA GLY A 127 -4.09 12.36 -0.32
C GLY A 127 -4.37 10.98 0.21
N ASP A 128 -3.75 10.65 1.35
CA ASP A 128 -3.82 9.29 1.88
C ASP A 128 -5.18 9.03 2.54
N LEU A 129 -5.58 7.78 2.49
CA LEU A 129 -6.87 7.33 3.02
C LEU A 129 -7.00 7.50 4.54
N LEU A 130 -5.90 7.32 5.30
CA LEU A 130 -5.95 7.50 6.76
C LEU A 130 -6.35 8.90 7.18
N ASN A 131 -5.62 9.90 6.66
CA ASN A 131 -5.97 11.34 6.84
C ASN A 131 -7.35 11.70 6.29
N TYR A 132 -7.73 11.04 5.20
CA TYR A 132 -9.06 11.25 4.60
C TYR A 132 -10.15 10.80 5.57
N LEU A 133 -10.05 9.56 6.03
CA LEU A 133 -10.98 9.01 7.02
C LEU A 133 -11.05 9.89 8.27
N ARG A 134 -9.89 10.32 8.76
CA ARG A 134 -9.81 11.16 9.96
C ARG A 134 -10.45 12.52 9.81
N SER A 135 -10.33 13.12 8.62
CA SER A 135 -10.97 14.41 8.34
C SER A 135 -12.49 14.33 8.17
N LYS A 136 -13.03 13.13 7.98
CA LYS A 136 -14.46 12.88 7.79
C LYS A 136 -15.20 12.39 9.03
N ARG A 137 -14.54 12.40 10.21
CA ARG A 137 -15.14 11.86 11.46
C ARG A 137 -16.35 12.61 11.97
N GLU A 138 -16.32 13.94 11.90
CA GLU A 138 -17.49 14.77 12.23
C GLU A 138 -18.56 14.68 11.13
N LYS A 139 -18.13 14.51 9.87
CA LYS A 139 -19.01 14.49 8.69
C LYS A 139 -19.44 13.08 8.21
N PHE A 140 -19.54 12.11 9.13
CA PHE A 140 -20.01 10.75 8.79
C PHE A 140 -21.51 10.64 9.06
N SER A 141 -22.25 10.08 8.10
CA SER A 141 -23.72 9.89 8.21
C SER A 141 -24.05 8.41 8.48
N ASN A 160 -18.67 15.90 0.18
CA ASN A 160 -18.42 16.27 1.57
C ASN A 160 -18.67 15.13 2.59
N VAL A 161 -19.86 14.51 2.53
CA VAL A 161 -20.32 13.52 3.53
C VAL A 161 -19.79 12.09 3.21
N LEU A 162 -19.34 11.39 4.25
CA LEU A 162 -18.93 9.99 4.17
C LEU A 162 -20.02 9.08 4.72
N THR A 163 -20.26 7.94 4.08
CA THR A 163 -21.27 6.95 4.47
C THR A 163 -20.67 5.58 4.70
N PHE A 164 -21.44 4.70 5.34
CA PHE A 164 -21.10 3.27 5.46
C PHE A 164 -20.81 2.58 4.10
N GLU A 165 -21.57 2.95 3.08
CA GLU A 165 -21.43 2.40 1.74
C GLU A 165 -20.05 2.79 1.13
N ASP A 166 -19.65 4.05 1.32
CA ASP A 166 -18.31 4.52 0.93
C ASP A 166 -17.16 3.72 1.58
N LEU A 167 -17.32 3.41 2.86
CA LEU A 167 -16.33 2.60 3.59
C LEU A 167 -16.22 1.19 3.00
N LEU A 168 -17.38 0.60 2.74
CA LEU A 168 -17.48 -0.70 2.05
C LEU A 168 -16.85 -0.66 0.65
N CYS A 169 -17.10 0.43 -0.08
CA CYS A 169 -16.50 0.63 -1.39
C CYS A 169 -14.97 0.73 -1.34
N PHE A 170 -14.46 1.47 -0.37
CA PHE A 170 -13.00 1.58 -0.15
C PHE A 170 -12.38 0.22 0.13
N ALA A 171 -13.02 -0.55 1.01
CA ALA A 171 -12.56 -1.90 1.31
C ALA A 171 -12.52 -2.79 0.06
N TYR A 172 -13.60 -2.78 -0.70
CA TYR A 172 -13.70 -3.50 -1.98
C TYR A 172 -12.59 -3.13 -2.94
N GLN A 173 -12.33 -1.84 -3.09
CA GLN A 173 -11.31 -1.36 -4.02
C GLN A 173 -9.89 -1.76 -3.66
N VAL A 174 -9.57 -1.70 -2.37
CA VAL A 174 -8.27 -2.12 -1.91
C VAL A 174 -8.08 -3.62 -2.14
N ALA A 175 -9.12 -4.41 -1.85
CA ALA A 175 -9.08 -5.84 -2.13
C ALA A 175 -8.86 -6.16 -3.62
N LYS A 176 -9.53 -5.40 -4.49
CA LYS A 176 -9.34 -5.50 -5.96
C LYS A 176 -7.91 -5.19 -6.37
N GLY A 177 -7.35 -4.12 -5.80
CA GLY A 177 -5.96 -3.75 -5.99
C GLY A 177 -5.01 -4.87 -5.59
N MET A 178 -5.29 -5.47 -4.44
CA MET A 178 -4.47 -6.58 -3.95
C MET A 178 -4.63 -7.85 -4.74
N GLU A 179 -5.84 -8.10 -5.23
CA GLU A 179 -6.10 -9.22 -6.13
C GLU A 179 -5.25 -9.10 -7.41
N PHE A 180 -5.16 -7.87 -7.95
CA PHE A 180 -4.28 -7.58 -9.11
C PHE A 180 -2.81 -7.90 -8.77
N LEU A 181 -2.33 -7.42 -7.64
CA LEU A 181 -0.96 -7.71 -7.19
C LEU A 181 -0.70 -9.22 -6.99
N GLU A 182 -1.65 -9.94 -6.38
CA GLU A 182 -1.60 -11.40 -6.30
C GLU A 182 -1.44 -12.07 -7.68
N PHE A 183 -2.26 -11.62 -8.63
CA PHE A 183 -2.22 -12.11 -10.01
C PHE A 183 -0.87 -11.79 -10.68
N LYS A 184 -0.26 -10.66 -10.34
CA LYS A 184 1.08 -10.30 -10.85
C LYS A 184 2.28 -10.88 -10.08
N SER A 185 2.02 -11.76 -9.11
CA SER A 185 3.04 -12.37 -8.29
C SER A 185 3.83 -11.33 -7.44
N CYS A 186 3.12 -10.37 -6.88
CA CYS A 186 3.70 -9.32 -6.05
C CYS A 186 3.22 -9.43 -4.63
N VAL A 187 4.01 -8.86 -3.71
CA VAL A 187 3.60 -8.64 -2.33
C VAL A 187 3.84 -7.16 -1.99
N HIS A 188 2.95 -6.59 -1.19
CA HIS A 188 3.10 -5.27 -0.61
C HIS A 188 3.63 -5.54 0.80
N ARG A 189 4.81 -5.07 1.11
CA ARG A 189 5.33 -5.29 2.47
C ARG A 189 4.91 -4.24 3.55
N ASP A 190 3.93 -3.40 3.21
CA ASP A 190 3.51 -2.25 4.01
C ASP A 190 2.09 -1.82 3.67
N LEU A 191 1.16 -2.78 3.62
CA LEU A 191 -0.21 -2.47 3.30
C LEU A 191 -0.83 -1.89 4.59
N ALA A 192 -1.36 -0.68 4.46
CA ALA A 192 -1.95 0.10 5.57
C ALA A 192 -2.69 1.27 4.96
N ALA A 193 -3.62 1.89 5.71
CA ALA A 193 -4.40 3.02 5.20
C ALA A 193 -3.57 4.23 4.81
N ARG A 194 -2.46 4.45 5.51
CA ARG A 194 -1.45 5.47 5.11
C ARG A 194 -0.83 5.31 3.70
N ASN A 195 -0.84 4.08 3.15
CA ASN A 195 -0.35 3.77 1.81
C ASN A 195 -1.45 3.52 0.75
N VAL A 196 -2.67 3.99 1.02
CA VAL A 196 -3.76 4.00 0.06
C VAL A 196 -4.09 5.47 -0.15
N LEU A 197 -4.25 5.88 -1.40
CA LEU A 197 -4.56 7.26 -1.74
C LEU A 197 -5.97 7.36 -2.30
N VAL A 198 -6.51 8.58 -2.27
CA VAL A 198 -7.90 8.87 -2.62
C VAL A 198 -7.85 9.92 -3.72
N THR A 199 -8.61 9.66 -4.77
CA THR A 199 -8.74 10.56 -5.92
C THR A 199 -10.25 10.79 -6.20
N HIS A 200 -10.55 11.37 -7.37
CA HIS A 200 -11.93 11.73 -7.78
C HIS A 200 -12.85 10.52 -7.82
N GLY A 201 -14.12 10.74 -7.49
CA GLY A 201 -15.16 9.69 -7.56
C GLY A 201 -15.08 8.64 -6.48
N LYS A 202 -14.48 9.00 -5.34
CA LYS A 202 -14.13 8.10 -4.26
C LYS A 202 -13.37 6.83 -4.68
N VAL A 203 -12.52 7.00 -5.71
CA VAL A 203 -11.64 5.93 -6.17
C VAL A 203 -10.44 5.90 -5.21
N VAL A 204 -10.03 4.73 -4.79
CA VAL A 204 -8.79 4.58 -4.01
C VAL A 204 -7.77 3.71 -4.74
N LYS A 205 -6.51 3.95 -4.41
CA LYS A 205 -5.37 3.40 -5.13
C LYS A 205 -4.25 3.07 -4.16
N ILE A 206 -3.74 1.86 -4.26
CA ILE A 206 -2.65 1.37 -3.42
C ILE A 206 -1.35 1.95 -3.94
N CYS A 207 -0.56 2.54 -3.04
CA CYS A 207 0.70 3.15 -3.42
C CYS A 207 1.82 2.46 -2.70
N ASP A 208 3.02 2.60 -3.28
CA ASP A 208 4.26 2.27 -2.61
C ASP A 208 4.90 3.61 -2.23
N PHE A 209 5.03 3.83 -0.91
CA PHE A 209 5.70 4.98 -0.26
C PHE A 209 4.84 6.24 -0.30
N MET A 216 11.66 7.42 11.31
CA MET A 216 12.19 7.97 12.56
C MET A 216 11.12 8.74 13.35
N SER A 217 10.55 9.78 12.73
CA SER A 217 9.46 10.60 13.35
C SER A 217 8.11 9.87 13.56
N ASP A 218 7.84 8.83 12.76
CA ASP A 218 6.59 8.05 12.77
C ASP A 218 6.65 6.90 13.81
N SER A 219 5.75 6.92 14.80
CA SER A 219 5.65 5.83 15.79
C SER A 219 5.03 4.51 15.28
N ASN A 220 4.48 4.48 14.06
CA ASN A 220 4.00 3.20 13.46
C ASN A 220 5.08 2.28 12.89
N TYR A 221 6.30 2.78 12.71
CA TYR A 221 7.46 1.98 12.29
C TYR A 221 8.45 1.85 13.42
N VAL A 222 8.83 0.62 13.73
CA VAL A 222 9.84 0.31 14.72
C VAL A 222 11.16 0.12 14.02
N VAL A 223 12.18 0.79 14.54
CA VAL A 223 13.56 0.64 14.07
C VAL A 223 14.14 -0.66 14.64
N ARG A 224 14.81 -1.42 13.78
CA ARG A 224 15.49 -2.69 14.14
C ARG A 224 16.62 -2.96 13.12
N GLY A 225 17.81 -2.45 13.44
CA GLY A 225 18.97 -2.43 12.51
C GLY A 225 18.68 -1.67 11.21
N ASN A 226 18.76 -2.40 10.09
CA ASN A 226 18.42 -1.87 8.76
C ASN A 226 16.92 -1.70 8.54
N ALA A 227 16.09 -2.41 9.32
CA ALA A 227 14.65 -2.47 9.06
C ALA A 227 13.85 -1.36 9.78
N ARG A 228 12.72 -1.01 9.19
CA ARG A 228 11.75 -0.05 9.71
C ARG A 228 10.44 -0.80 9.59
N LEU A 229 9.95 -1.36 10.70
CA LEU A 229 8.91 -2.38 10.66
C LEU A 229 7.54 -1.82 11.08
N PRO A 230 6.51 -1.95 10.21
CA PRO A 230 5.15 -1.54 10.56
C PRO A 230 4.46 -2.60 11.46
N VAL A 231 4.93 -2.71 12.70
CA VAL A 231 4.68 -3.88 13.56
C VAL A 231 3.19 -4.23 13.73
N LYS A 232 2.38 -3.22 13.99
CA LYS A 232 0.95 -3.47 14.21
C LYS A 232 0.17 -3.92 12.96
N TRP A 233 0.79 -3.83 11.76
CA TRP A 233 0.20 -4.31 10.50
C TRP A 233 0.72 -5.67 10.08
N MET A 234 1.71 -6.21 10.79
CA MET A 234 2.47 -7.34 10.26
C MET A 234 1.87 -8.67 10.74
N ALA A 235 1.78 -9.62 9.83
CA ALA A 235 1.40 -10.98 10.15
C ALA A 235 2.46 -11.60 11.06
N PRO A 236 2.07 -12.58 11.90
CA PRO A 236 3.03 -13.27 12.77
C PRO A 236 4.27 -13.80 12.07
N GLU A 237 4.07 -14.45 10.93
CA GLU A 237 5.19 -15.01 10.15
C GLU A 237 6.14 -13.91 9.64
N SER A 238 5.64 -12.69 9.46
CA SER A 238 6.47 -11.52 9.16
C SER A 238 7.22 -11.04 10.39
N LEU A 239 6.50 -10.90 11.50
CA LEU A 239 7.09 -10.50 12.79
C LEU A 239 8.17 -11.41 13.28
N PHE A 240 7.89 -12.71 13.25
CA PHE A 240 8.75 -13.72 13.87
C PHE A 240 9.74 -14.36 12.96
N GLU A 241 9.43 -14.48 11.66
CA GLU A 241 10.31 -15.18 10.71
C GLU A 241 10.77 -14.31 9.53
N GLY A 242 10.26 -13.09 9.38
CA GLY A 242 10.58 -12.22 8.26
C GLY A 242 10.04 -12.71 6.91
N ILE A 243 8.93 -13.45 6.93
CA ILE A 243 8.30 -14.06 5.76
C ILE A 243 7.22 -13.06 5.29
N TYR A 244 7.21 -12.74 4.00
CA TYR A 244 6.17 -11.90 3.35
C TYR A 244 5.61 -12.61 2.13
N THR A 245 4.34 -13.04 2.25
CA THR A 245 3.57 -13.62 1.16
C THR A 245 2.31 -12.81 0.97
N ILE A 246 1.56 -13.15 -0.07
CA ILE A 246 0.24 -12.58 -0.27
C ILE A 246 -0.72 -12.86 0.92
N LYS A 247 -0.52 -13.97 1.60
CA LYS A 247 -1.29 -14.31 2.79
C LYS A 247 -0.91 -13.43 3.99
N SER A 248 0.35 -13.00 4.10
CA SER A 248 0.76 -11.93 5.06
C SER A 248 0.02 -10.64 4.75
N ASP A 249 -0.09 -10.32 3.47
CA ASP A 249 -0.89 -9.17 3.03
C ASP A 249 -2.37 -9.28 3.38
N VAL A 250 -2.95 -10.48 3.38
CA VAL A 250 -4.33 -10.65 3.83
C VAL A 250 -4.48 -10.22 5.29
N TRP A 251 -3.53 -10.62 6.15
CA TRP A 251 -3.50 -10.17 7.57
C TRP A 251 -3.48 -8.65 7.66
N SER A 252 -2.52 -8.04 6.98
CA SER A 252 -2.43 -6.57 6.93
C SER A 252 -3.69 -5.93 6.39
N TYR A 253 -4.28 -6.55 5.37
CA TYR A 253 -5.55 -6.09 4.84
C TYR A 253 -6.65 -6.09 5.93
N GLY A 254 -6.70 -7.14 6.75
CA GLY A 254 -7.59 -7.18 7.92
C GLY A 254 -7.40 -6.00 8.86
N ILE A 255 -6.14 -5.66 9.13
CA ILE A 255 -5.81 -4.48 9.96
C ILE A 255 -6.34 -3.21 9.27
N LEU A 256 -6.10 -3.12 7.97
CA LEU A 256 -6.56 -1.98 7.17
C LEU A 256 -8.09 -1.87 7.19
N LEU A 257 -8.80 -3.00 7.15
CA LEU A 257 -10.25 -3.01 7.34
C LEU A 257 -10.65 -2.42 8.67
N TRP A 258 -9.93 -2.78 9.74
CA TRP A 258 -10.18 -2.20 11.08
C TRP A 258 -9.96 -0.68 11.06
N GLU A 259 -8.91 -0.23 10.38
CA GLU A 259 -8.68 1.22 10.17
C GLU A 259 -9.85 1.90 9.44
N ILE A 260 -10.35 1.27 8.38
CA ILE A 260 -11.50 1.83 7.61
C ILE A 260 -12.74 1.97 8.49
N PHE A 261 -13.11 0.85 9.12
CA PHE A 261 -14.34 0.78 9.91
C PHE A 261 -14.23 1.33 11.34
N SER A 262 -13.07 1.87 11.70
CA SER A 262 -12.92 2.76 12.88
C SER A 262 -12.78 4.24 12.51
N LEU A 263 -12.82 4.60 11.21
CA LEU A 263 -12.44 5.94 10.72
C LEU A 263 -11.02 6.39 11.13
N GLY A 264 -10.07 5.48 10.95
CA GLY A 264 -8.65 5.79 11.06
C GLY A 264 -8.04 5.76 12.45
N VAL A 265 -8.55 4.90 13.33
CA VAL A 265 -7.97 4.73 14.66
C VAL A 265 -6.70 3.88 14.50
N ASN A 266 -5.67 4.21 15.28
CA ASN A 266 -4.45 3.41 15.37
C ASN A 266 -4.86 1.97 15.78
N PRO A 267 -4.39 0.94 15.06
CA PRO A 267 -4.68 -0.42 15.49
C PRO A 267 -4.17 -0.73 16.90
N TYR A 268 -4.84 -1.67 17.57
CA TYR A 268 -4.55 -2.03 18.95
C TYR A 268 -4.43 -0.78 19.81
N PRO A 269 -5.51 0.04 19.82
CA PRO A 269 -5.42 1.37 20.39
C PRO A 269 -5.06 1.35 21.88
N GLY A 270 -4.05 2.13 22.23
CA GLY A 270 -3.53 2.23 23.59
C GLY A 270 -2.59 1.12 24.01
N ILE A 271 -2.25 0.20 23.10
CA ILE A 271 -1.33 -0.88 23.39
C ILE A 271 0.00 -0.46 22.76
N PRO A 272 1.07 -0.31 23.57
CA PRO A 272 2.37 0.08 22.99
C PRO A 272 3.03 -1.07 22.20
N VAL A 273 3.97 -0.68 21.36
CA VAL A 273 4.80 -1.63 20.63
C VAL A 273 6.00 -1.91 21.51
N ASP A 274 6.01 -3.09 22.11
CA ASP A 274 7.09 -3.53 23.00
C ASP A 274 7.10 -5.06 23.00
N ALA A 275 7.93 -5.71 23.81
CA ALA A 275 7.95 -7.16 23.85
C ALA A 275 6.58 -7.82 24.23
N ASN A 276 5.78 -7.15 25.04
CA ASN A 276 4.40 -7.62 25.32
C ASN A 276 3.50 -7.67 24.10
N PHE A 277 3.68 -6.73 23.17
CA PHE A 277 2.94 -6.74 21.94
C PHE A 277 3.22 -8.00 21.09
N TYR A 278 4.49 -8.33 20.95
CA TYR A 278 4.94 -9.54 20.30
C TYR A 278 4.31 -10.79 20.93
N LYS A 279 4.29 -10.86 22.27
CA LYS A 279 3.62 -11.95 22.97
C LYS A 279 2.11 -11.99 22.74
N LEU A 280 1.44 -10.84 22.72
CA LEU A 280 -0.02 -10.75 22.48
C LEU A 280 -0.34 -11.42 21.16
N ILE A 281 0.40 -11.02 20.11
CA ILE A 281 0.17 -11.52 18.76
C ILE A 281 0.44 -13.00 18.67
N GLN A 282 1.56 -13.43 19.25
CA GLN A 282 1.92 -14.86 19.31
C GLN A 282 0.84 -15.73 19.96
N ASN A 283 0.14 -15.19 20.96
CA ASN A 283 -0.89 -15.94 21.70
C ASN A 283 -2.27 -15.93 21.03
N GLY A 284 -2.45 -15.18 19.94
CA GLY A 284 -3.72 -15.13 19.20
C GLY A 284 -4.61 -13.96 19.53
N PHE A 285 -4.06 -12.90 20.11
CA PHE A 285 -4.80 -11.67 20.39
C PHE A 285 -5.28 -11.06 19.06
N LYS A 286 -6.58 -10.75 19.00
CA LYS A 286 -7.21 -10.07 17.89
C LYS A 286 -7.99 -8.86 18.42
N MET A 287 -8.00 -7.78 17.65
CA MET A 287 -8.86 -6.61 17.95
C MET A 287 -10.34 -6.93 17.98
N ASP A 288 -11.10 -6.07 18.69
CA ASP A 288 -12.55 -6.11 18.75
C ASP A 288 -13.15 -5.49 17.49
N GLN A 289 -14.46 -5.66 17.37
CA GLN A 289 -15.26 -5.07 16.31
C GLN A 289 -15.26 -3.55 16.44
N PRO A 290 -14.77 -2.81 15.42
CA PRO A 290 -14.84 -1.36 15.49
C PRO A 290 -16.25 -0.85 15.24
N PHE A 291 -16.49 0.41 15.59
CA PHE A 291 -17.85 0.95 15.69
C PHE A 291 -18.63 0.93 14.37
N TYR A 292 -17.97 1.26 13.25
CA TYR A 292 -18.65 1.34 11.95
C TYR A 292 -18.75 0.00 11.20
N ALA A 293 -18.14 -1.06 11.74
CA ALA A 293 -18.26 -2.40 11.17
C ALA A 293 -19.59 -3.03 11.57
N THR A 294 -20.19 -3.75 10.64
CA THR A 294 -21.22 -4.75 10.94
C THR A 294 -20.58 -6.02 11.45
N GLU A 295 -21.40 -6.89 12.03
CA GLU A 295 -20.95 -8.23 12.46
C GLU A 295 -20.31 -9.06 11.31
N GLU A 296 -20.87 -8.94 10.10
CA GLU A 296 -20.41 -9.69 8.93
C GLU A 296 -19.03 -9.21 8.47
N ILE A 297 -18.83 -7.90 8.46
CA ILE A 297 -17.50 -7.31 8.20
C ILE A 297 -16.49 -7.77 9.25
N TYR A 298 -16.92 -7.84 10.53
CA TYR A 298 -16.03 -8.27 11.60
C TYR A 298 -15.59 -9.74 11.49
N ILE A 299 -16.50 -10.62 11.09
CA ILE A 299 -16.15 -12.03 10.82
C ILE A 299 -15.08 -12.12 9.70
N ILE A 300 -15.19 -11.28 8.68
CA ILE A 300 -14.18 -11.21 7.61
C ILE A 300 -12.81 -10.76 8.16
N MET A 301 -12.79 -9.68 8.95
CA MET A 301 -11.57 -9.21 9.62
C MET A 301 -10.88 -10.31 10.41
N GLN A 302 -11.66 -10.99 11.26
CA GLN A 302 -11.15 -12.08 12.10
C GLN A 302 -10.51 -13.22 11.32
N SER A 303 -11.13 -13.58 10.18
CA SER A 303 -10.61 -14.62 9.28
C SER A 303 -9.27 -14.21 8.67
N CYS A 304 -9.11 -12.92 8.36
CA CYS A 304 -7.81 -12.39 7.94
C CYS A 304 -6.71 -12.53 8.97
N TRP A 305 -7.09 -12.60 10.27
CA TRP A 305 -6.17 -12.74 11.38
C TRP A 305 -6.01 -14.16 11.89
N ALA A 306 -6.39 -15.17 11.09
CA ALA A 306 -6.07 -16.56 11.43
C ALA A 306 -4.54 -16.67 11.55
N PHE A 307 -4.09 -17.27 12.64
CA PHE A 307 -2.65 -17.40 12.91
C PHE A 307 -1.95 -18.19 11.79
N ASP A 308 -2.56 -19.33 11.45
CA ASP A 308 -2.17 -20.17 10.33
C ASP A 308 -2.58 -19.45 9.03
N SER A 309 -1.58 -19.06 8.23
CA SER A 309 -1.78 -18.36 6.94
C SER A 309 -2.70 -19.08 5.95
N ARG A 310 -2.72 -20.40 5.99
CA ARG A 310 -3.56 -21.21 5.13
C ARG A 310 -5.05 -21.12 5.45
N LYS A 311 -5.41 -20.70 6.67
CA LYS A 311 -6.83 -20.49 7.04
C LYS A 311 -7.36 -19.14 6.64
N ARG A 312 -6.49 -18.20 6.24
CA ARG A 312 -6.91 -16.86 5.84
C ARG A 312 -7.58 -16.91 4.46
N PRO A 313 -8.60 -16.06 4.24
CA PRO A 313 -9.21 -15.99 2.91
C PRO A 313 -8.24 -15.42 1.87
N SER A 314 -8.47 -15.74 0.60
CA SER A 314 -7.69 -15.16 -0.50
C SER A 314 -8.26 -13.78 -0.86
N PHE A 315 -7.52 -13.04 -1.67
CA PHE A 315 -8.02 -11.76 -2.17
C PHE A 315 -9.22 -11.86 -3.13
N PRO A 316 -9.24 -12.87 -4.02
CA PRO A 316 -10.51 -13.14 -4.75
C PRO A 316 -11.70 -13.50 -3.84
N ASN A 317 -11.49 -14.26 -2.76
CA ASN A 317 -12.54 -14.46 -1.72
C ASN A 317 -13.01 -13.12 -1.14
N LEU A 318 -12.06 -12.26 -0.80
CA LEU A 318 -12.38 -10.99 -0.17
C LEU A 318 -13.17 -10.06 -1.07
N THR A 319 -12.75 -9.95 -2.35
CA THR A 319 -13.49 -9.15 -3.32
C THR A 319 -14.93 -9.66 -3.49
N SER A 320 -15.13 -10.98 -3.47
CA SER A 320 -16.48 -11.58 -3.53
C SER A 320 -17.35 -11.22 -2.31
N PHE A 321 -16.80 -11.40 -1.10
CA PHE A 321 -17.53 -11.08 0.16
C PHE A 321 -17.91 -9.59 0.26
N LEU A 322 -16.97 -8.70 -0.09
CA LEU A 322 -17.22 -7.24 -0.02
C LEU A 322 -18.13 -6.72 -1.10
N GLY A 323 -17.96 -7.26 -2.32
CA GLY A 323 -18.90 -7.04 -3.41
C GLY A 323 -20.33 -7.43 -3.08
N CYS A 324 -20.50 -8.56 -2.39
CA CYS A 324 -21.83 -8.99 -1.91
C CYS A 324 -22.40 -8.10 -0.80
N GLN A 325 -21.56 -7.74 0.17
CA GLN A 325 -21.91 -6.74 1.19
C GLN A 325 -22.30 -5.38 0.58
N LEU A 326 -21.50 -4.91 -0.37
CA LEU A 326 -21.73 -3.63 -1.07
C LEU A 326 -22.99 -3.66 -1.92
N ALA A 327 -23.19 -4.77 -2.64
CA ALA A 327 -24.43 -5.02 -3.44
C ALA A 327 -25.72 -4.97 -2.62
N ASP A 328 -25.66 -5.12 -1.29
CA ASP A 328 -26.71 -4.63 -0.37
C ASP A 328 -26.55 -3.11 -0.16
N ALA A 329 -26.96 -2.37 -1.18
CA ALA A 329 -27.17 -0.93 -1.14
C ALA A 329 -28.70 -0.72 -1.31
N GLU A 330 -29.45 -1.37 -0.42
CA GLU A 330 -30.92 -1.40 -0.40
C GLU A 330 -31.53 -1.97 -1.68
#